data_9FLO
#
_entry.id   9FLO
#
_cell.length_a   76.244
_cell.length_b   77.134
_cell.length_c   84.682
_cell.angle_alpha   90.00
_cell.angle_beta   90.00
_cell.angle_gamma   90.00
#
_symmetry.space_group_name_H-M   'P 21 21 21'
#
loop_
_entity.id
_entity.type
_entity.pdbx_description
1 polymer 'Serine/threonine-protein kinase haspin'
2 non-polymer 'NICKEL (II) ION'
3 non-polymer ~{N}-(1,4-dimethylpyrazol-3-yl)-3-(1,2-thiazol-5-yl)thieno[3,2-b]pyridin-5-amine
4 water water
#
_entity_poly.entity_id   1
_entity_poly.type   'polypeptide(L)'
_entity_poly.pdbx_seq_one_letter_code
;MHHHHHHSSGVDLGTENLYFQSMGECSQKGPVPFSHCLPTEKLQRCEKIGEGVFGEVFQTIADHTPVAIKIIAIEGPDLV
NGSHQKTFEEILPEIIISKELSLLSGEVCNRTEGFIGLNSVHCVQGSYPPLLLKAWDHYNSTKGSANDRPDFFKDDQLFI
VLEFEFGGIDLEQMRTKLSSLATAKSILHQLTASLAVAEASLRFEHRDLHWGNVLLKKTSLKKLHYTLNGKSSTIPSCGL
QVSIIDYTLSRLERDGIVVFCDVSMDEDLFTGDGDYQFDIYRLMKKENNNRWGEYHPYSNVLWLHYLTDKMLKQMTFKTK
CNTPAMKQIKRKIQEFHRTMLNFSSATDLLCQHSLFK
;
_entity_poly.pdbx_strand_id   A
#
loop_
_chem_comp.id
_chem_comp.type
_chem_comp.name
_chem_comp.formula
A1IDC non-polymer ~{N}-(1,4-dimethylpyrazol-3-yl)-3-(1,2-thiazol-5-yl)thieno[3,2-b]pyridin-5-amine 'C15 H13 N5 S2'
NI non-polymer 'NICKEL (II) ION' 'Ni 2'
#
# COMPACT_ATOMS: atom_id res chain seq x y z
N GLU A 25 -12.74 -8.82 -12.90
CA GLU A 25 -13.20 -9.38 -14.20
C GLU A 25 -14.25 -8.46 -14.82
N CYS A 26 -15.43 -8.31 -14.18
CA CYS A 26 -16.58 -7.63 -14.76
C CYS A 26 -17.49 -7.08 -13.64
N SER A 27 -18.09 -5.90 -13.87
CA SER A 27 -19.11 -5.35 -12.98
C SER A 27 -20.34 -4.81 -13.73
N GLN A 28 -20.31 -4.74 -15.07
CA GLN A 28 -21.35 -4.09 -15.86
C GLN A 28 -21.43 -4.70 -17.27
N LYS A 29 -22.40 -4.22 -18.07
CA LYS A 29 -22.59 -4.65 -19.45
C LYS A 29 -21.59 -3.96 -20.39
N GLY A 30 -21.10 -2.77 -20.00
CA GLY A 30 -20.05 -2.08 -20.74
C GLY A 30 -19.38 -0.97 -19.93
N PRO A 31 -18.93 0.11 -20.58
CA PRO A 31 -18.40 1.27 -19.88
C PRO A 31 -19.53 2.24 -19.53
N VAL A 32 -19.34 2.95 -18.43
CA VAL A 32 -20.35 3.83 -17.86
C VAL A 32 -19.76 5.25 -17.77
N PRO A 33 -20.56 6.30 -17.56
CA PRO A 33 -20.03 7.64 -17.34
C PRO A 33 -19.57 7.92 -15.91
N PHE A 34 -18.71 8.94 -15.74
CA PHE A 34 -18.10 9.23 -14.45
C PHE A 34 -19.13 9.41 -13.33
N SER A 35 -20.31 9.92 -13.70
CA SER A 35 -21.35 10.26 -12.75
C SER A 35 -21.90 9.01 -12.06
N HIS A 36 -21.72 7.80 -12.64
CA HIS A 36 -22.10 6.57 -11.97
C HIS A 36 -21.32 6.43 -10.67
N CYS A 37 -20.00 6.66 -10.71
CA CYS A 37 -19.13 6.46 -9.54
C CYS A 37 -19.03 7.74 -8.72
N LEU A 38 -18.97 8.85 -9.44
CA LEU A 38 -18.83 10.15 -8.82
C LEU A 38 -20.03 11.00 -9.24
N PRO A 39 -21.19 10.82 -8.60
CA PRO A 39 -22.28 11.77 -8.76
C PRO A 39 -21.78 13.14 -8.30
N THR A 40 -22.57 14.18 -8.57
CA THR A 40 -22.18 15.55 -8.33
C THR A 40 -21.75 15.75 -6.87
N GLU A 41 -22.58 15.40 -5.89
CA GLU A 41 -22.31 15.74 -4.51
C GLU A 41 -21.04 15.01 -4.03
N LYS A 42 -20.71 13.91 -4.71
CA LYS A 42 -19.47 13.17 -4.38
C LYS A 42 -18.28 13.89 -5.00
N LEU A 43 -18.37 14.19 -6.29
CA LEU A 43 -17.29 14.93 -6.98
C LEU A 43 -16.97 16.20 -6.18
N GLN A 44 -17.98 16.81 -5.57
CA GLN A 44 -17.77 18.08 -4.84
C GLN A 44 -17.03 17.84 -3.52
N ARG A 45 -16.84 16.58 -3.14
CA ARG A 45 -16.07 16.28 -1.91
C ARG A 45 -14.72 15.67 -2.31
N CYS A 46 -14.55 15.36 -3.59
CA CYS A 46 -13.30 14.82 -4.10
C CYS A 46 -12.15 15.78 -3.84
N GLU A 47 -11.03 15.21 -3.40
CA GLU A 47 -9.89 15.96 -2.92
C GLU A 47 -8.69 15.03 -3.01
N LYS A 48 -7.74 15.37 -3.89
CA LYS A 48 -6.59 14.54 -4.20
C LYS A 48 -5.69 14.37 -2.98
N ILE A 49 -5.22 13.12 -2.78
CA ILE A 49 -4.40 12.75 -1.64
C ILE A 49 -3.09 12.09 -2.07
N GLY A 50 -2.98 11.70 -3.35
CA GLY A 50 -1.76 11.04 -3.82
C GLY A 50 -1.82 10.74 -5.32
N GLU A 51 -0.71 10.21 -5.85
CA GLU A 51 -0.62 9.98 -7.29
C GLU A 51 0.50 9.00 -7.61
N GLY A 52 0.49 8.54 -8.86
CA GLY A 52 1.63 7.89 -9.49
C GLY A 52 1.55 7.99 -11.01
N VAL A 53 2.35 7.16 -11.67
CA VAL A 53 2.39 7.13 -13.13
C VAL A 53 1.07 6.58 -13.68
N PHE A 54 0.45 5.68 -12.89
CA PHE A 54 -0.80 5.02 -13.20
C PHE A 54 -1.89 6.09 -13.32
N GLY A 55 -1.79 7.11 -12.47
CA GLY A 55 -2.81 8.14 -12.39
C GLY A 55 -2.95 8.72 -10.98
N GLU A 56 -4.20 8.84 -10.51
CA GLU A 56 -4.46 9.75 -9.42
C GLU A 56 -5.24 9.05 -8.32
N VAL A 57 -5.16 9.64 -7.12
CA VAL A 57 -5.75 9.12 -5.90
C VAL A 57 -6.40 10.27 -5.13
N PHE A 58 -7.73 10.14 -5.00
CA PHE A 58 -8.58 11.13 -4.36
C PHE A 58 -9.30 10.52 -3.15
N GLN A 59 -9.53 11.38 -2.15
CA GLN A 59 -10.39 11.09 -1.03
C GLN A 59 -11.75 11.75 -1.29
N THR A 60 -12.83 11.18 -0.75
CA THR A 60 -14.15 11.75 -0.86
C THR A 60 -15.04 11.18 0.24
N ILE A 61 -16.36 11.46 0.17
CA ILE A 61 -17.35 10.92 1.09
C ILE A 61 -18.50 10.29 0.31
N ALA A 62 -18.82 9.06 0.70
CA ALA A 62 -19.86 8.25 0.09
C ALA A 62 -20.78 7.79 1.20
N ASP A 63 -22.01 8.30 1.23
CA ASP A 63 -22.96 7.91 2.27
C ASP A 63 -22.30 8.05 3.64
N HIS A 64 -21.88 9.27 3.96
CA HIS A 64 -21.37 9.61 5.27
C HIS A 64 -20.10 8.83 5.62
N THR A 65 -19.34 8.39 4.60
CA THR A 65 -18.30 7.37 4.76
C THR A 65 -17.12 7.59 3.82
N PRO A 66 -15.93 7.98 4.34
CA PRO A 66 -14.77 8.29 3.51
C PRO A 66 -14.28 7.12 2.70
N VAL A 67 -13.70 7.42 1.54
CA VAL A 67 -13.29 6.42 0.57
C VAL A 67 -12.16 6.98 -0.30
N ALA A 68 -11.15 6.15 -0.56
CA ALA A 68 -10.13 6.51 -1.51
C ALA A 68 -10.47 5.94 -2.90
N ILE A 69 -10.36 6.79 -3.91
CA ILE A 69 -10.66 6.41 -5.28
C ILE A 69 -9.32 6.31 -5.98
N LYS A 70 -9.20 5.41 -6.95
CA LYS A 70 -7.98 5.33 -7.76
C LYS A 70 -8.37 5.26 -9.23
N ILE A 71 -7.89 6.21 -10.01
CA ILE A 71 -8.34 6.32 -11.38
C ILE A 71 -7.12 6.12 -12.29
N ILE A 72 -7.34 5.35 -13.36
CA ILE A 72 -6.27 4.76 -14.16
C ILE A 72 -6.74 4.63 -15.60
N ALA A 73 -6.09 5.35 -16.53
CA ALA A 73 -6.45 5.24 -17.94
C ALA A 73 -6.33 3.79 -18.38
N ILE A 74 -6.97 3.43 -19.49
CA ILE A 74 -6.80 2.11 -20.07
C ILE A 74 -7.06 2.18 -21.57
N GLU A 75 -6.56 1.17 -22.31
CA GLU A 75 -6.77 1.03 -23.75
C GLU A 75 -6.36 2.30 -24.52
N GLY A 76 -5.75 3.27 -23.81
CA GLY A 76 -5.30 4.52 -24.39
C GLY A 76 -4.06 4.32 -25.26
N PRO A 77 -4.08 4.66 -26.58
CA PRO A 77 -2.92 4.42 -27.43
C PRO A 77 -1.92 5.56 -27.33
N ASP A 78 -2.01 6.35 -26.26
CA ASP A 78 -1.10 7.52 -26.10
C ASP A 78 -0.42 7.45 -24.73
N LEU A 79 0.70 8.16 -24.58
CA LEU A 79 1.48 8.08 -23.33
C LEU A 79 0.80 8.90 -22.25
N VAL A 80 0.72 8.36 -21.04
CA VAL A 80 0.07 9.07 -19.90
C VAL A 80 1.08 9.16 -18.76
N ASN A 81 1.23 10.34 -18.17
CA ASN A 81 2.15 10.53 -17.00
C ASN A 81 3.47 9.80 -17.26
N GLY A 82 3.93 9.78 -18.51
CA GLY A 82 5.24 9.17 -18.82
C GLY A 82 5.11 7.87 -19.59
N SER A 83 4.74 6.79 -18.88
CA SER A 83 4.67 5.46 -19.53
C SER A 83 3.44 5.34 -20.42
N HIS A 84 3.23 4.15 -20.98
CA HIS A 84 2.05 3.95 -21.85
C HIS A 84 0.83 3.62 -20.98
N GLN A 85 -0.28 3.34 -21.63
CA GLN A 85 -1.54 3.11 -20.92
C GLN A 85 -1.79 1.60 -20.76
N LYS A 86 -1.85 1.11 -19.51
CA LYS A 86 -2.04 -0.30 -19.24
C LYS A 86 -3.34 -0.75 -19.93
N THR A 87 -3.33 -1.92 -20.58
CA THR A 87 -4.54 -2.52 -21.13
C THR A 87 -5.39 -3.14 -20.01
N PHE A 88 -6.62 -3.58 -20.32
CA PHE A 88 -7.49 -4.22 -19.33
C PHE A 88 -6.78 -5.47 -18.79
N GLU A 89 -6.33 -6.32 -19.70
CA GLU A 89 -5.59 -7.52 -19.33
C GLU A 89 -4.39 -7.14 -18.45
N GLU A 90 -3.86 -5.92 -18.61
CA GLU A 90 -2.66 -5.53 -17.88
C GLU A 90 -3.03 -4.99 -16.50
N ILE A 91 -4.27 -4.54 -16.35
CA ILE A 91 -4.61 -3.89 -15.10
C ILE A 91 -5.26 -4.90 -14.17
N LEU A 92 -5.85 -5.94 -14.76
CA LEU A 92 -6.50 -7.03 -14.04
C LEU A 92 -5.69 -7.50 -12.82
N PRO A 93 -4.41 -7.94 -13.01
CA PRO A 93 -3.55 -8.29 -11.89
C PRO A 93 -3.73 -7.46 -10.62
N GLU A 94 -3.68 -6.14 -10.77
CA GLU A 94 -3.78 -5.27 -9.61
C GLU A 94 -5.12 -5.51 -8.92
N ILE A 95 -6.17 -5.68 -9.72
CA ILE A 95 -7.50 -5.89 -9.18
C ILE A 95 -7.48 -7.16 -8.34
N ILE A 96 -7.14 -8.28 -9.00
CA ILE A 96 -7.05 -9.58 -8.38
C ILE A 96 -6.36 -9.46 -7.03
N ILE A 97 -5.18 -8.81 -7.03
CA ILE A 97 -4.40 -8.66 -5.83
C ILE A 97 -5.22 -7.92 -4.79
N SER A 98 -5.77 -6.77 -5.21
CA SER A 98 -6.51 -5.90 -4.30
C SER A 98 -7.69 -6.66 -3.69
N LYS A 99 -8.39 -7.47 -4.51
CA LYS A 99 -9.55 -8.23 -4.06
C LYS A 99 -9.07 -9.30 -3.07
N GLU A 100 -7.99 -10.00 -3.44
CA GLU A 100 -7.55 -11.16 -2.70
C GLU A 100 -7.10 -10.76 -1.30
N LEU A 101 -6.37 -9.63 -1.24
CA LEU A 101 -5.87 -9.04 0.00
C LEU A 101 -7.02 -8.50 0.84
N SER A 102 -8.09 -8.07 0.16
CA SER A 102 -9.26 -7.63 0.90
C SER A 102 -9.98 -8.83 1.54
N LEU A 103 -10.12 -9.93 0.81
CA LEU A 103 -10.80 -11.11 1.35
C LEU A 103 -10.21 -11.48 2.71
N LEU A 104 -8.92 -11.25 2.88
CA LEU A 104 -8.24 -11.67 4.08
C LEU A 104 -8.94 -11.17 5.33
N SER A 105 -9.70 -10.07 5.21
CA SER A 105 -10.24 -9.44 6.39
C SER A 105 -11.20 -10.39 7.07
N GLY A 106 -11.84 -11.28 6.28
CA GLY A 106 -12.89 -12.14 6.76
C GLY A 106 -12.65 -13.63 6.56
N GLU A 107 -11.43 -14.01 6.16
CA GLU A 107 -11.06 -15.42 6.11
C GLU A 107 -10.93 -15.98 7.53
N VAL A 108 -10.52 -17.24 7.67
CA VAL A 108 -10.53 -17.91 8.97
C VAL A 108 -9.12 -18.30 9.39
N CYS A 109 -8.48 -19.10 8.53
CA CYS A 109 -7.20 -19.72 8.84
C CYS A 109 -6.10 -18.66 8.71
N ASN A 110 -6.08 -17.96 7.58
CA ASN A 110 -5.15 -16.85 7.39
C ASN A 110 -5.94 -15.55 7.22
N ARG A 111 -5.99 -14.79 8.32
CA ARG A 111 -6.88 -13.65 8.48
C ARG A 111 -6.08 -12.47 8.98
N THR A 112 -6.31 -11.31 8.34
CA THR A 112 -5.76 -10.04 8.78
C THR A 112 -6.52 -8.91 8.09
N GLU A 113 -6.53 -7.75 8.75
CA GLU A 113 -7.18 -6.56 8.20
C GLU A 113 -6.15 -5.53 7.72
N GLY A 114 -4.87 -5.80 8.00
CA GLY A 114 -3.84 -4.79 7.90
C GLY A 114 -3.54 -4.44 6.45
N PHE A 115 -4.41 -4.91 5.55
CA PHE A 115 -4.51 -4.34 4.23
C PHE A 115 -5.69 -3.35 4.17
N ILE A 116 -6.07 -3.00 2.94
CA ILE A 116 -7.12 -2.03 2.72
C ILE A 116 -8.18 -2.70 1.85
N GLY A 117 -9.44 -2.46 2.19
CA GLY A 117 -10.55 -3.16 1.51
C GLY A 117 -11.08 -2.46 0.27
N LEU A 118 -11.26 -3.23 -0.81
CA LEU A 118 -11.83 -2.68 -2.05
C LEU A 118 -13.35 -2.72 -1.90
N ASN A 119 -14.01 -1.58 -2.13
CA ASN A 119 -15.47 -1.51 -2.01
C ASN A 119 -16.07 -1.67 -3.42
N SER A 120 -15.34 -1.30 -4.46
CA SER A 120 -15.92 -1.35 -5.82
C SER A 120 -14.87 -1.17 -6.92
N VAL A 121 -15.16 -1.65 -8.13
CA VAL A 121 -14.26 -1.46 -9.29
C VAL A 121 -15.13 -1.26 -10.52
N HIS A 122 -14.96 -0.14 -11.24
CA HIS A 122 -15.86 0.15 -12.39
C HIS A 122 -15.07 0.67 -13.59
N CYS A 123 -15.46 0.28 -14.79
CA CYS A 123 -14.83 0.84 -16.01
C CYS A 123 -15.61 2.11 -16.37
N VAL A 124 -14.93 3.25 -16.39
CA VAL A 124 -15.61 4.53 -16.62
C VAL A 124 -15.15 5.07 -17.97
N GLN A 125 -16.03 5.84 -18.63
CA GLN A 125 -15.71 6.50 -19.88
C GLN A 125 -16.03 8.01 -19.81
N GLY A 126 -15.19 8.79 -20.53
CA GLY A 126 -15.38 10.21 -20.76
C GLY A 126 -14.12 11.00 -20.45
N SER A 127 -14.09 12.27 -20.85
CA SER A 127 -12.98 13.15 -20.48
C SER A 127 -13.00 13.41 -18.96
N TYR A 128 -11.93 13.97 -18.45
CA TYR A 128 -11.75 14.04 -17.00
C TYR A 128 -12.75 15.05 -16.45
N PRO A 129 -13.52 14.69 -15.41
CA PRO A 129 -14.40 15.63 -14.71
C PRO A 129 -13.74 16.93 -14.23
N PRO A 130 -14.14 18.09 -14.79
CA PRO A 130 -13.57 19.38 -14.40
C PRO A 130 -13.42 19.61 -12.89
N LEU A 131 -14.43 19.19 -12.12
CA LEU A 131 -14.35 19.31 -10.67
C LEU A 131 -13.09 18.65 -10.13
N LEU A 132 -12.66 17.55 -10.76
CA LEU A 132 -11.48 16.77 -10.34
C LEU A 132 -10.20 17.47 -10.75
N LEU A 133 -10.19 18.14 -11.92
CA LEU A 133 -9.06 18.96 -12.32
C LEU A 133 -8.91 20.10 -11.32
N LYS A 134 -9.99 20.58 -10.70
CA LYS A 134 -9.88 21.66 -9.71
C LYS A 134 -9.14 21.10 -8.48
N ALA A 135 -9.44 19.84 -8.13
CA ALA A 135 -8.81 19.13 -7.03
C ALA A 135 -7.34 18.80 -7.31
N TRP A 136 -7.03 18.46 -8.58
CA TRP A 136 -5.70 18.10 -9.05
C TRP A 136 -4.78 19.32 -9.02
N ASP A 137 -5.36 20.46 -9.42
CA ASP A 137 -4.70 21.75 -9.44
C ASP A 137 -4.34 22.18 -8.03
N HIS A 138 -5.25 21.94 -7.07
CA HIS A 138 -4.99 22.32 -5.70
C HIS A 138 -3.83 21.49 -5.15
N TYR A 139 -3.78 20.18 -5.48
CA TYR A 139 -2.72 19.30 -5.01
C TYR A 139 -1.36 19.81 -5.49
N ASN A 140 -1.25 19.85 -6.82
CA ASN A 140 -0.07 20.32 -7.53
C ASN A 140 0.42 21.67 -7.00
N SER A 141 -0.50 22.56 -6.61
CA SER A 141 -0.15 23.84 -6.01
C SER A 141 0.48 23.70 -4.64
N THR A 142 -0.06 22.88 -3.75
CA THR A 142 0.41 22.84 -2.38
C THR A 142 1.55 21.84 -2.24
N LYS A 143 1.78 21.02 -3.28
CA LYS A 143 2.57 19.81 -3.08
C LYS A 143 3.38 19.44 -4.32
N GLY A 144 2.84 19.72 -5.51
CA GLY A 144 3.63 19.46 -6.73
C GLY A 144 3.34 18.09 -7.31
N SER A 145 3.28 18.00 -8.63
CA SER A 145 2.92 16.72 -9.28
C SER A 145 4.03 16.27 -10.23
N ALA A 146 4.23 14.97 -10.33
CA ALA A 146 5.22 14.43 -11.27
C ALA A 146 4.47 13.98 -12.51
N ASN A 147 3.15 14.21 -12.52
CA ASN A 147 2.32 13.71 -13.65
C ASN A 147 1.81 14.90 -14.44
N ASP A 148 1.46 14.68 -15.70
CA ASP A 148 0.93 15.77 -16.56
C ASP A 148 -0.50 16.08 -16.12
N ARG A 149 -0.98 17.30 -16.40
CA ARG A 149 -2.38 17.65 -16.07
C ARG A 149 -3.31 16.83 -16.97
N PRO A 150 -4.28 16.10 -16.38
CA PRO A 150 -5.18 15.25 -17.17
C PRO A 150 -6.32 15.93 -17.92
N ASP A 151 -6.02 17.06 -18.56
CA ASP A 151 -7.02 17.79 -19.30
C ASP A 151 -7.07 17.31 -20.75
N PHE A 152 -6.19 16.39 -21.14
CA PHE A 152 -6.00 16.08 -22.55
C PHE A 152 -6.79 14.83 -22.91
N PHE A 153 -7.67 14.46 -21.99
CA PHE A 153 -8.42 13.22 -22.13
C PHE A 153 -9.71 13.47 -22.91
N LYS A 154 -10.04 12.52 -23.78
CA LYS A 154 -11.19 12.63 -24.65
C LYS A 154 -12.43 12.03 -23.99
N ASP A 155 -13.56 12.21 -24.67
CA ASP A 155 -14.84 11.76 -24.17
C ASP A 155 -15.00 10.27 -24.52
N ASP A 156 -14.04 9.68 -25.25
CA ASP A 156 -14.12 8.26 -25.54
C ASP A 156 -13.17 7.50 -24.62
N GLN A 157 -12.57 8.24 -23.66
CA GLN A 157 -11.48 7.73 -22.85
C GLN A 157 -12.00 6.79 -21.76
N LEU A 158 -11.46 5.55 -21.71
CA LEU A 158 -11.82 4.57 -20.70
C LEU A 158 -10.84 4.64 -19.54
N PHE A 159 -11.37 4.61 -18.31
CA PHE A 159 -10.59 4.48 -17.09
C PHE A 159 -11.08 3.29 -16.28
N ILE A 160 -10.25 2.82 -15.34
CA ILE A 160 -10.73 1.96 -14.25
C ILE A 160 -10.73 2.80 -12.99
N VAL A 161 -11.70 2.53 -12.11
CA VAL A 161 -11.89 3.34 -10.92
C VAL A 161 -12.06 2.39 -9.76
N LEU A 162 -11.07 2.36 -8.88
CA LEU A 162 -11.10 1.48 -7.73
C LEU A 162 -11.49 2.31 -6.52
N GLU A 163 -12.51 1.85 -5.79
CA GLU A 163 -12.94 2.54 -4.60
C GLU A 163 -12.61 1.69 -3.38
N PHE A 164 -11.84 2.26 -2.44
CA PHE A 164 -11.36 1.53 -1.28
C PHE A 164 -11.85 2.18 0.00
N GLU A 165 -11.94 1.36 1.07
CA GLU A 165 -11.98 1.84 2.44
C GLU A 165 -10.91 2.91 2.53
N PHE A 166 -11.09 3.86 3.44
CA PHE A 166 -10.11 4.91 3.62
C PHE A 166 -9.25 4.57 4.83
N GLY A 167 -7.95 4.34 4.58
CA GLY A 167 -7.06 3.71 5.55
C GLY A 167 -6.48 4.68 6.59
N GLY A 168 -6.17 5.89 6.14
CA GLY A 168 -5.64 6.92 7.02
C GLY A 168 -4.59 7.76 6.30
N ILE A 169 -3.65 8.30 7.07
CA ILE A 169 -2.63 9.18 6.52
C ILE A 169 -1.28 8.49 6.69
N ASP A 170 -0.40 8.57 5.68
CA ASP A 170 0.77 7.70 5.61
C ASP A 170 1.80 8.10 6.66
N LEU A 171 2.77 7.20 6.88
CA LEU A 171 3.71 7.27 7.99
C LEU A 171 4.62 8.49 7.89
N GLU A 172 5.15 8.74 6.69
CA GLU A 172 5.92 9.95 6.42
C GLU A 172 5.23 11.13 7.08
N GLN A 173 3.94 11.35 6.73
CA GLN A 173 3.23 12.52 7.20
C GLN A 173 2.93 12.40 8.69
N MET A 174 3.26 11.25 9.28
CA MET A 174 2.82 10.90 10.63
C MET A 174 4.01 10.81 11.58
N ARG A 175 5.18 11.27 11.14
CA ARG A 175 6.44 11.18 11.88
C ARG A 175 6.44 11.93 13.19
N THR A 176 6.04 13.21 13.15
CA THR A 176 5.96 14.06 14.33
C THR A 176 4.84 13.57 15.23
N LYS A 177 3.92 12.80 14.65
CA LYS A 177 2.64 12.55 15.27
C LYS A 177 2.64 11.25 16.08
N LEU A 178 3.62 10.35 15.88
CA LEU A 178 3.77 9.15 16.73
C LEU A 178 4.16 9.55 18.15
N SER A 179 3.85 8.64 19.09
CA SER A 179 3.75 8.99 20.49
C SER A 179 4.96 8.51 21.28
N SER A 180 5.35 7.26 21.02
CA SER A 180 6.48 6.62 21.67
C SER A 180 6.95 5.44 20.83
N LEU A 181 8.09 4.87 21.20
CA LEU A 181 8.66 3.74 20.48
C LEU A 181 7.79 2.51 20.65
N ALA A 182 7.13 2.41 21.81
CA ALA A 182 5.98 1.53 21.99
C ALA A 182 5.14 1.48 20.70
N THR A 183 4.76 2.67 20.21
CA THR A 183 3.92 2.79 19.03
C THR A 183 4.61 2.25 17.79
N ALA A 184 5.94 2.31 17.80
CA ALA A 184 6.72 1.84 16.68
C ALA A 184 6.77 0.32 16.69
N LYS A 185 6.81 -0.33 17.88
CA LYS A 185 6.83 -1.80 17.93
C LYS A 185 5.49 -2.27 17.36
N SER A 186 4.43 -1.54 17.73
CA SER A 186 3.07 -1.89 17.39
C SER A 186 2.89 -1.93 15.87
N ILE A 187 3.47 -0.94 15.20
CA ILE A 187 3.29 -0.78 13.77
C ILE A 187 4.04 -1.88 13.01
N LEU A 188 5.29 -2.11 13.43
CA LEU A 188 6.20 -3.06 12.81
C LEU A 188 5.62 -4.47 13.01
N HIS A 189 5.12 -4.70 14.22
CA HIS A 189 4.41 -5.91 14.55
C HIS A 189 3.22 -6.12 13.60
N GLN A 190 2.43 -5.04 13.43
CA GLN A 190 1.21 -5.07 12.65
C GLN A 190 1.55 -5.40 11.18
N LEU A 191 2.61 -4.75 10.66
CA LEU A 191 3.01 -4.92 9.27
C LEU A 191 3.50 -6.35 9.01
N THR A 192 4.32 -6.87 9.96
CA THR A 192 4.86 -8.21 9.85
C THR A 192 3.70 -9.20 9.84
N ALA A 193 2.85 -9.09 10.87
CA ALA A 193 1.69 -9.94 11.03
C ALA A 193 0.93 -10.00 9.71
N SER A 194 0.64 -8.82 9.13
CA SER A 194 -0.07 -8.76 7.87
C SER A 194 0.70 -9.48 6.76
N LEU A 195 1.96 -9.11 6.56
CA LEU A 195 2.71 -9.70 5.48
C LEU A 195 2.82 -11.22 5.64
N ALA A 196 2.97 -11.70 6.88
CA ALA A 196 3.05 -13.14 7.18
C ALA A 196 1.82 -13.86 6.66
N VAL A 197 0.64 -13.33 7.01
CA VAL A 197 -0.65 -13.90 6.66
C VAL A 197 -0.78 -13.98 5.14
N ALA A 198 -0.25 -12.98 4.44
CA ALA A 198 -0.36 -12.88 3.00
C ALA A 198 0.62 -13.83 2.34
N GLU A 199 1.80 -13.93 2.92
CA GLU A 199 2.73 -15.00 2.61
C GLU A 199 1.96 -16.31 2.78
N ALA A 200 1.43 -16.56 3.99
CA ALA A 200 0.81 -17.84 4.29
C ALA A 200 -0.30 -18.16 3.28
N SER A 201 -1.14 -17.16 3.00
CA SER A 201 -2.39 -17.33 2.29
C SER A 201 -2.18 -17.33 0.78
N LEU A 202 -1.42 -16.35 0.30
CA LEU A 202 -1.37 -16.04 -1.12
C LEU A 202 0.05 -16.03 -1.68
N ARG A 203 1.06 -16.27 -0.83
CA ARG A 203 2.46 -16.29 -1.21
C ARG A 203 2.79 -14.95 -1.86
N PHE A 204 2.72 -13.92 -1.03
CA PHE A 204 2.58 -12.55 -1.49
C PHE A 204 3.86 -11.79 -1.20
N GLU A 205 4.33 -11.05 -2.22
CA GLU A 205 5.33 -10.00 -2.04
C GLU A 205 4.64 -8.66 -2.33
N HIS A 206 4.93 -7.63 -1.53
CA HIS A 206 4.39 -6.27 -1.80
C HIS A 206 5.33 -5.58 -2.79
N ARG A 207 6.64 -5.66 -2.53
CA ARG A 207 7.68 -5.13 -3.45
C ARG A 207 7.69 -3.60 -3.57
N ASP A 208 7.25 -2.84 -2.55
CA ASP A 208 7.36 -1.36 -2.60
C ASP A 208 6.84 -0.74 -1.30
N LEU A 209 7.08 -1.38 -0.16
CA LEU A 209 6.51 -0.85 1.10
C LEU A 209 7.28 0.36 1.60
N HIS A 210 7.21 1.48 0.88
CA HIS A 210 7.87 2.71 1.38
C HIS A 210 6.95 3.34 2.43
N TRP A 211 7.51 4.13 3.34
CA TRP A 211 6.68 4.70 4.44
C TRP A 211 5.54 5.50 3.84
N GLY A 212 5.52 5.62 2.51
CA GLY A 212 4.39 6.26 1.89
C GLY A 212 3.16 5.36 1.79
N ASN A 213 3.38 4.02 1.83
CA ASN A 213 2.33 3.04 1.55
C ASN A 213 1.88 2.37 2.84
N VAL A 214 2.10 3.05 3.96
CA VAL A 214 1.67 2.53 5.24
C VAL A 214 0.81 3.59 5.89
N LEU A 215 -0.49 3.32 5.98
CA LEU A 215 -1.43 4.29 6.50
C LEU A 215 -1.63 4.05 7.99
N LEU A 216 -1.91 5.10 8.76
CA LEU A 216 -2.34 4.96 10.16
C LEU A 216 -3.68 5.69 10.39
N LYS A 217 -4.59 4.98 11.07
CA LYS A 217 -5.92 5.48 11.44
C LYS A 217 -6.11 5.24 12.93
N LYS A 218 -6.49 6.29 13.67
CA LYS A 218 -6.74 6.16 15.10
C LYS A 218 -7.77 5.04 15.30
N THR A 219 -7.62 4.21 16.34
CA THR A 219 -8.64 3.23 16.69
C THR A 219 -8.80 3.17 18.22
N SER A 220 -10.05 3.33 18.67
CA SER A 220 -10.36 3.19 20.08
C SER A 220 -10.10 1.76 20.56
N LEU A 221 -9.85 0.87 19.59
CA LEU A 221 -9.64 -0.56 19.92
C LEU A 221 -8.36 -0.70 20.75
N LYS A 222 -8.35 -1.64 21.68
CA LYS A 222 -7.17 -1.78 22.59
C LYS A 222 -6.31 -2.96 22.15
N LYS A 223 -6.85 -3.86 21.32
CA LYS A 223 -6.05 -4.99 20.81
C LYS A 223 -6.56 -5.38 19.42
N LEU A 224 -5.64 -5.59 18.48
CA LEU A 224 -6.05 -6.02 17.12
C LEU A 224 -5.95 -7.55 17.06
N HIS A 225 -6.53 -8.17 16.04
CA HIS A 225 -6.57 -9.66 16.00
C HIS A 225 -6.25 -10.19 14.61
N TYR A 226 -5.52 -11.30 14.55
CA TYR A 226 -5.20 -11.95 13.28
C TYR A 226 -4.97 -13.45 13.49
N THR A 227 -5.01 -14.19 12.37
CA THR A 227 -4.87 -15.63 12.41
C THR A 227 -3.96 -16.07 11.28
N LEU A 228 -2.91 -16.84 11.64
CA LEU A 228 -1.88 -17.29 10.72
C LEU A 228 -1.87 -18.81 10.75
N ASN A 229 -2.19 -19.40 9.59
CA ASN A 229 -2.19 -20.84 9.45
C ASN A 229 -2.95 -21.44 10.62
N GLY A 230 -4.13 -20.88 10.90
CA GLY A 230 -5.02 -21.43 11.90
C GLY A 230 -4.77 -20.96 13.34
N LYS A 231 -3.74 -20.14 13.61
CA LYS A 231 -3.54 -19.73 14.99
C LYS A 231 -3.85 -18.24 15.19
N SER A 232 -4.73 -17.97 16.17
CA SER A 232 -5.22 -16.63 16.49
C SER A 232 -4.35 -15.99 17.55
N SER A 233 -4.30 -14.66 17.45
CA SER A 233 -3.31 -13.85 18.17
C SER A 233 -3.77 -12.39 18.19
N THR A 234 -3.20 -11.66 19.15
CA THR A 234 -3.46 -10.24 19.30
C THR A 234 -2.15 -9.47 19.17
N ILE A 235 -2.28 -8.16 18.92
CA ILE A 235 -1.18 -7.22 18.82
C ILE A 235 -1.65 -5.94 19.50
N PRO A 236 -1.00 -5.43 20.59
CA PRO A 236 -1.46 -4.19 21.22
C PRO A 236 -1.41 -3.09 20.16
N SER A 237 -2.43 -2.24 20.12
CA SER A 237 -2.64 -1.40 18.95
C SER A 237 -1.96 -0.05 19.11
N CYS A 238 -1.79 0.36 20.37
CA CYS A 238 -1.21 1.65 20.74
C CYS A 238 -1.97 2.77 20.04
N GLY A 239 -3.30 2.62 20.04
CA GLY A 239 -4.21 3.60 19.49
C GLY A 239 -4.15 3.77 17.98
N LEU A 240 -3.64 2.77 17.24
CA LEU A 240 -3.43 2.94 15.81
C LEU A 240 -3.73 1.65 15.04
N GLN A 241 -4.24 1.81 13.80
CA GLN A 241 -4.68 0.73 12.92
C GLN A 241 -3.97 0.90 11.58
N VAL A 242 -3.00 0.02 11.34
CA VAL A 242 -2.10 0.13 10.21
C VAL A 242 -2.66 -0.59 8.98
N SER A 243 -2.59 0.08 7.83
CA SER A 243 -3.15 -0.45 6.61
C SER A 243 -2.11 -0.35 5.49
N ILE A 244 -2.01 -1.42 4.69
CA ILE A 244 -1.00 -1.48 3.64
C ILE A 244 -1.63 -1.22 2.27
N ILE A 245 -0.94 -0.48 1.40
CA ILE A 245 -1.48 -0.07 0.12
C ILE A 245 -0.43 -0.14 -0.99
N ASP A 246 -0.90 0.13 -2.21
CA ASP A 246 -0.11 0.31 -3.41
C ASP A 246 0.39 -1.03 -3.92
N TYR A 247 -0.52 -1.79 -4.55
CA TYR A 247 -0.23 -3.16 -4.95
C TYR A 247 0.39 -3.18 -6.35
N THR A 248 1.13 -2.10 -6.67
CA THR A 248 1.44 -1.78 -8.03
C THR A 248 2.56 -2.68 -8.54
N LEU A 249 3.38 -3.17 -7.59
CA LEU A 249 4.57 -3.98 -7.87
C LEU A 249 4.49 -5.37 -7.23
N SER A 250 3.37 -5.58 -6.52
CA SER A 250 3.17 -6.70 -5.62
C SER A 250 2.99 -7.98 -6.43
N ARG A 251 3.02 -9.11 -5.71
CA ARG A 251 3.01 -10.43 -6.32
C ARG A 251 2.20 -11.40 -5.47
N LEU A 252 1.48 -12.33 -6.11
CA LEU A 252 0.94 -13.48 -5.39
C LEU A 252 0.48 -14.59 -6.33
N GLU A 253 0.18 -15.75 -5.74
CA GLU A 253 -0.37 -16.86 -6.50
C GLU A 253 -1.51 -17.52 -5.71
N ARG A 254 -2.50 -18.00 -6.48
CA ARG A 254 -3.51 -18.93 -6.01
C ARG A 254 -3.57 -20.03 -7.08
N ASP A 255 -3.49 -21.29 -6.64
CA ASP A 255 -3.59 -22.48 -7.49
C ASP A 255 -2.45 -22.51 -8.52
N GLY A 256 -1.26 -22.08 -8.09
CA GLY A 256 -0.08 -22.10 -8.94
C GLY A 256 -0.14 -21.11 -10.09
N ILE A 257 -1.03 -20.11 -10.00
CA ILE A 257 -1.16 -19.11 -11.03
C ILE A 257 -0.64 -17.82 -10.42
N VAL A 258 0.46 -17.30 -10.99
CA VAL A 258 1.16 -16.18 -10.38
C VAL A 258 0.67 -14.89 -11.00
N VAL A 259 0.58 -13.86 -10.16
CA VAL A 259 0.11 -12.56 -10.57
C VAL A 259 1.03 -11.54 -9.92
N PHE A 260 1.67 -10.76 -10.77
CA PHE A 260 2.91 -10.08 -10.45
C PHE A 260 3.15 -8.99 -11.48
N CYS A 261 3.98 -8.02 -11.12
CA CYS A 261 4.41 -6.99 -12.05
C CYS A 261 5.85 -7.30 -12.46
N ASP A 262 6.06 -7.47 -13.77
CA ASP A 262 7.37 -7.76 -14.32
C ASP A 262 8.10 -6.44 -14.50
N VAL A 263 9.29 -6.33 -13.89
CA VAL A 263 10.13 -5.14 -13.98
C VAL A 263 11.54 -5.54 -14.43
N SER A 264 11.71 -6.77 -14.91
CA SER A 264 13.06 -7.26 -15.20
C SER A 264 13.74 -6.26 -16.15
N MET A 265 13.00 -5.75 -17.14
CA MET A 265 13.55 -4.88 -18.18
C MET A 265 13.42 -3.41 -17.79
N ASP A 266 12.92 -3.13 -16.58
CA ASP A 266 12.91 -1.77 -16.03
C ASP A 266 14.33 -1.47 -15.54
N GLU A 267 14.63 -0.17 -15.47
CA GLU A 267 15.96 0.34 -15.13
C GLU A 267 15.82 1.37 -14.00
N ASP A 268 15.00 2.41 -14.20
CA ASP A 268 14.88 3.54 -13.31
C ASP A 268 14.70 3.10 -11.85
N LEU A 269 14.04 1.95 -11.64
CA LEU A 269 13.74 1.47 -10.31
C LEU A 269 15.01 1.15 -9.53
N PHE A 270 16.02 0.61 -10.24
CA PHE A 270 17.23 0.10 -9.61
C PHE A 270 18.36 1.13 -9.70
N THR A 271 18.14 2.19 -10.50
CA THR A 271 19.14 3.22 -10.77
C THR A 271 18.59 4.54 -10.26
N GLY A 272 19.08 4.98 -9.10
CA GLY A 272 18.55 6.17 -8.46
C GLY A 272 18.40 5.91 -6.97
N ASP A 273 18.87 6.87 -6.16
CA ASP A 273 19.04 6.66 -4.73
C ASP A 273 18.89 8.00 -3.98
N GLY A 274 19.69 8.17 -2.91
CA GLY A 274 19.45 9.19 -1.91
C GLY A 274 19.00 8.53 -0.59
N ASP A 275 17.78 8.01 -0.60
CA ASP A 275 17.23 7.31 0.55
C ASP A 275 17.54 5.81 0.47
N TYR A 276 17.46 5.13 1.63
CA TYR A 276 17.72 3.70 1.75
C TYR A 276 16.71 2.89 0.92
N GLN A 277 15.50 3.45 0.77
CA GLN A 277 14.45 2.90 -0.07
C GLN A 277 15.03 2.33 -1.37
N PHE A 278 15.89 3.11 -2.04
CA PHE A 278 16.27 2.82 -3.42
C PHE A 278 17.23 1.65 -3.53
N ASP A 279 17.86 1.31 -2.38
CA ASP A 279 18.75 0.17 -2.25
C ASP A 279 17.93 -1.12 -2.16
N ILE A 280 16.70 -0.99 -1.67
CA ILE A 280 15.84 -2.16 -1.57
C ILE A 280 15.54 -2.66 -2.98
N TYR A 281 15.15 -1.76 -3.89
CA TYR A 281 14.89 -2.15 -5.27
C TYR A 281 16.06 -2.95 -5.82
N ARG A 282 17.29 -2.54 -5.50
CA ARG A 282 18.48 -3.23 -6.00
C ARG A 282 18.61 -4.58 -5.32
N LEU A 283 18.36 -4.60 -4.01
CA LEU A 283 18.58 -5.77 -3.18
C LEU A 283 17.63 -6.92 -3.55
N MET A 284 16.40 -6.57 -3.93
CA MET A 284 15.39 -7.55 -4.31
C MET A 284 15.88 -8.27 -5.57
N LYS A 285 16.42 -7.50 -6.52
CA LYS A 285 16.87 -8.04 -7.79
C LYS A 285 18.07 -8.92 -7.56
N LYS A 286 18.83 -8.62 -6.50
CA LYS A 286 20.01 -9.39 -6.13
C LYS A 286 19.53 -10.72 -5.56
N GLU A 287 18.43 -10.62 -4.78
CA GLU A 287 17.82 -11.79 -4.16
C GLU A 287 17.26 -12.73 -5.23
N ASN A 288 16.50 -12.20 -6.19
CA ASN A 288 15.68 -13.03 -7.05
C ASN A 288 16.35 -13.28 -8.41
N ASN A 289 17.45 -12.58 -8.68
CA ASN A 289 18.18 -12.80 -9.91
C ASN A 289 17.35 -12.29 -11.10
N ASN A 290 16.62 -11.21 -10.87
CA ASN A 290 15.87 -10.50 -11.89
C ASN A 290 14.79 -11.38 -12.50
N ARG A 291 14.41 -12.46 -11.81
CA ARG A 291 13.26 -13.25 -12.21
C ARG A 291 12.13 -12.99 -11.22
N TRP A 292 11.11 -12.28 -11.70
CA TRP A 292 10.13 -11.71 -10.79
C TRP A 292 8.91 -12.61 -10.66
N GLY A 293 8.86 -13.68 -11.48
CA GLY A 293 7.86 -14.73 -11.34
C GLY A 293 7.96 -15.45 -9.99
N GLU A 294 9.21 -15.67 -9.55
CA GLU A 294 9.53 -16.51 -8.41
C GLU A 294 9.05 -15.88 -7.11
N TYR A 295 8.88 -16.73 -6.09
CA TYR A 295 8.47 -16.34 -4.75
C TYR A 295 9.71 -16.26 -3.87
N HIS A 296 10.10 -15.02 -3.50
CA HIS A 296 11.16 -14.78 -2.52
C HIS A 296 10.62 -13.82 -1.46
N PRO A 297 10.05 -14.33 -0.34
CA PRO A 297 9.51 -13.49 0.71
C PRO A 297 10.54 -12.76 1.56
N TYR A 298 11.83 -12.92 1.26
CA TYR A 298 12.84 -12.07 1.87
C TYR A 298 12.54 -10.63 1.48
N SER A 299 11.93 -10.47 0.29
CA SER A 299 11.56 -9.16 -0.21
C SER A 299 10.81 -8.42 0.90
N ASN A 300 9.99 -9.14 1.67
CA ASN A 300 9.15 -8.55 2.70
C ASN A 300 9.98 -8.21 3.93
N VAL A 301 10.97 -9.05 4.23
CA VAL A 301 11.88 -8.82 5.34
C VAL A 301 12.67 -7.55 5.05
N LEU A 302 13.14 -7.42 3.80
CA LEU A 302 13.92 -6.26 3.41
C LEU A 302 13.11 -5.01 3.75
N TRP A 303 11.92 -4.96 3.18
CA TRP A 303 11.08 -3.79 3.30
C TRP A 303 10.77 -3.52 4.76
N LEU A 304 10.77 -4.58 5.58
CA LEU A 304 10.46 -4.42 7.00
C LEU A 304 11.64 -3.80 7.73
N HIS A 305 12.84 -4.21 7.32
CA HIS A 305 14.08 -3.66 7.84
C HIS A 305 14.18 -2.18 7.50
N TYR A 306 13.92 -1.85 6.22
CA TYR A 306 13.88 -0.47 5.76
C TYR A 306 12.98 0.36 6.68
N LEU A 307 11.83 -0.21 7.04
CA LEU A 307 10.88 0.51 7.86
C LEU A 307 11.38 0.60 9.30
N THR A 308 12.05 -0.44 9.80
CA THR A 308 12.60 -0.34 11.15
C THR A 308 13.63 0.78 11.18
N ASP A 309 14.48 0.82 10.16
CA ASP A 309 15.42 1.92 10.02
C ASP A 309 14.67 3.22 10.18
N LYS A 310 13.70 3.47 9.30
CA LYS A 310 12.93 4.72 9.33
C LYS A 310 12.44 5.00 10.75
N MET A 311 11.99 3.97 11.45
CA MET A 311 11.41 4.11 12.78
C MET A 311 12.44 4.66 13.78
N LEU A 312 13.71 4.28 13.56
CA LEU A 312 14.78 4.58 14.48
C LEU A 312 15.49 5.88 14.13
N LYS A 313 15.61 6.17 12.83
CA LYS A 313 16.54 7.19 12.37
C LYS A 313 15.79 8.50 12.08
N GLN A 314 14.53 8.48 11.64
CA GLN A 314 13.87 9.71 11.22
C GLN A 314 12.41 9.80 11.66
N MET A 315 12.15 9.48 12.95
CA MET A 315 10.84 9.63 13.58
C MET A 315 11.01 10.53 14.78
N THR A 316 9.98 11.27 15.16
CA THR A 316 10.15 12.16 16.28
C THR A 316 8.91 11.99 17.16
N PHE A 317 9.12 11.63 18.43
CA PHE A 317 8.06 11.10 19.28
C PHE A 317 7.55 12.16 20.26
N LYS A 318 6.22 12.24 20.42
CA LYS A 318 5.60 13.17 21.35
C LYS A 318 6.15 12.92 22.76
N THR A 319 6.41 11.65 23.13
CA THR A 319 7.00 11.33 24.41
C THR A 319 8.46 10.90 24.17
N LYS A 320 9.34 11.40 25.04
CA LYS A 320 10.77 11.20 24.88
C LYS A 320 11.22 9.91 25.54
N CYS A 321 12.15 9.22 24.90
CA CYS A 321 12.82 8.10 25.52
C CYS A 321 13.82 8.60 26.58
N ASN A 322 13.36 8.77 27.82
CA ASN A 322 14.24 9.09 28.93
C ASN A 322 13.86 8.28 30.19
N THR A 323 12.99 7.27 30.03
CA THR A 323 12.55 6.38 31.10
C THR A 323 13.14 4.98 30.90
N PRO A 324 13.50 4.27 31.98
CA PRO A 324 14.13 2.95 31.83
C PRO A 324 13.38 2.01 30.88
N ALA A 325 12.04 2.10 30.86
CA ALA A 325 11.22 1.16 30.13
C ALA A 325 11.19 1.50 28.64
N MET A 326 11.27 2.79 28.31
CA MET A 326 11.27 3.19 26.91
C MET A 326 12.66 2.96 26.32
N LYS A 327 13.70 3.10 27.14
CA LYS A 327 15.04 2.66 26.76
C LYS A 327 14.96 1.17 26.39
N GLN A 328 14.38 0.33 27.26
CA GLN A 328 14.33 -1.11 27.05
C GLN A 328 13.71 -1.46 25.70
N ILE A 329 12.72 -0.68 25.29
CA ILE A 329 12.00 -0.94 24.05
C ILE A 329 12.85 -0.54 22.87
N LYS A 330 13.55 0.59 23.05
CA LYS A 330 14.52 1.07 22.09
C LYS A 330 15.50 -0.04 21.77
N ARG A 331 16.21 -0.50 22.81
CA ARG A 331 17.19 -1.57 22.67
C ARG A 331 16.54 -2.72 21.92
N LYS A 332 15.29 -3.05 22.32
CA LYS A 332 14.61 -4.22 21.80
C LYS A 332 14.42 -4.05 20.28
N ILE A 333 14.34 -2.81 19.79
CA ILE A 333 14.10 -2.57 18.37
C ILE A 333 15.43 -2.49 17.61
N GLN A 334 16.47 -1.98 18.28
CA GLN A 334 17.78 -1.88 17.64
C GLN A 334 18.23 -3.32 17.35
N GLU A 335 18.01 -4.18 18.34
CA GLU A 335 18.40 -5.57 18.24
C GLU A 335 17.62 -6.26 17.12
N PHE A 336 16.36 -5.84 16.93
CA PHE A 336 15.50 -6.23 15.82
C PHE A 336 16.14 -5.86 14.48
N HIS A 337 16.49 -4.57 14.32
CA HIS A 337 17.16 -4.04 13.12
C HIS A 337 18.40 -4.87 12.73
N ARG A 338 19.30 -5.10 13.68
CA ARG A 338 20.54 -5.75 13.30
C ARG A 338 20.26 -7.21 12.96
N THR A 339 19.35 -7.84 13.69
CA THR A 339 19.22 -9.30 13.64
C THR A 339 18.35 -9.75 12.47
N MET A 340 17.50 -8.87 11.94
CA MET A 340 16.29 -9.33 11.26
C MET A 340 16.60 -9.75 9.84
N LEU A 341 17.68 -9.23 9.26
CA LEU A 341 17.97 -9.57 7.88
C LEU A 341 18.31 -11.06 7.76
N ASN A 342 18.44 -11.76 8.89
CA ASN A 342 18.86 -13.16 8.92
C ASN A 342 17.65 -14.08 9.13
N PHE A 343 16.45 -13.59 8.77
CA PHE A 343 15.24 -14.41 8.74
C PHE A 343 14.70 -14.42 7.33
N SER A 344 13.89 -15.41 6.98
CA SER A 344 13.68 -15.72 5.58
C SER A 344 12.40 -15.09 5.02
N SER A 345 11.53 -14.60 5.91
CA SER A 345 10.15 -14.25 5.59
C SER A 345 9.54 -13.49 6.75
N ALA A 346 8.49 -12.72 6.46
CA ALA A 346 7.72 -12.08 7.51
C ALA A 346 7.18 -13.17 8.44
N THR A 347 6.75 -14.28 7.83
CA THR A 347 6.21 -15.40 8.60
C THR A 347 7.24 -15.74 9.68
N ASP A 348 8.45 -15.96 9.20
CA ASP A 348 9.53 -16.42 10.04
C ASP A 348 9.83 -15.37 11.10
N LEU A 349 9.81 -14.09 10.69
CA LEU A 349 10.04 -13.03 11.66
C LEU A 349 9.03 -13.15 12.79
N LEU A 350 7.77 -13.22 12.39
CA LEU A 350 6.64 -13.17 13.32
C LEU A 350 6.71 -14.32 14.32
N CYS A 351 6.97 -15.50 13.77
CA CYS A 351 7.02 -16.72 14.56
C CYS A 351 8.32 -16.74 15.36
N GLN A 352 9.46 -16.53 14.70
CA GLN A 352 10.76 -16.86 15.27
C GLN A 352 11.40 -15.68 15.99
N HIS A 353 11.29 -14.47 15.46
CA HIS A 353 12.05 -13.36 16.01
C HIS A 353 11.51 -12.97 17.38
N SER A 354 12.44 -12.69 18.29
CA SER A 354 12.15 -12.57 19.72
C SER A 354 11.65 -11.18 20.10
N LEU A 355 11.13 -10.41 19.14
CA LEU A 355 10.57 -9.11 19.43
C LEU A 355 9.11 -9.29 19.88
N PHE A 356 8.55 -10.44 19.54
CA PHE A 356 7.11 -10.63 19.52
C PHE A 356 6.61 -11.61 20.59
NI NI B . -22.06 0.59 -9.87
C1 A1IDC C . -5.26 2.77 -3.14
C2 A1IDC C . -5.56 1.52 -2.70
C3 A1IDC C . -4.33 -0.65 -2.46
C4 A1IDC C . -3.82 2.68 -3.49
C5 A1IDC C . -2.78 4.91 -3.19
C6 A1IDC C . -1.77 5.80 -3.61
C7 A1IDC C . -1.53 6.92 -2.82
C8 A1IDC C . -2.28 7.10 -1.67
C9 A1IDC C . -3.44 7.70 0.42
C10 A1IDC C . -3.97 6.57 -0.11
C11 A1IDC C . -5.08 5.90 0.45
C12 A1IDC C . -5.73 4.68 0.11
C13 A1IDC C . -6.66 4.35 1.10
C14 A1IDC C . -3.28 6.17 -1.34
N A1IDC C . -4.46 0.77 -2.78
N1 A1IDC C . -3.38 1.44 -3.25
C A1IDC C . -6.26 3.88 -3.23
N2 A1IDC C . -3.01 3.71 -3.88
N4 A1IDC C . -3.53 5.09 -2.10
S A1IDC C . -2.15 8.37 -0.51
S1 A1IDC C . -5.72 6.54 1.89
N3 A1IDC C . -6.81 5.25 2.16
#